data_7Z73
#
_entry.id   7Z73
#
_cell.length_a   42.563
_cell.length_b   50.761
_cell.length_c   65.858
_cell.angle_alpha   80.930
_cell.angle_beta   79.920
_cell.angle_gamma   68.750
#
_symmetry.space_group_name_H-M   'P 1'
#
loop_
_entity.id
_entity.type
_entity.pdbx_description
1 polymer 'Isoform 2 of Tumor protein 63'
2 polymer 'Darpin 8F1'
3 water water
#
loop_
_entity_poly.entity_id
_entity_poly.type
_entity_poly.pdbx_seq_one_letter_code
_entity_poly.pdbx_strand_id
1 'polypeptide(L)' GSDDELLYLPVRGRETYEMLLKIKESLELMQYLPQHTIETYRQQQQQQHQHLLQKQTSIQS A,B,C,D
2 'polypeptide(L)'
;GSDLGKKLLEAARAGQDDEVRILMANGADVNAADWLGYTPLHLAAWYGHLEIVEVLLKTGADVNARDAYGITPLHLAAYY
GHLEIVEVLLKHGADVNAQDKFGKTPFDLAIDNGNEDIAEVLQKAA
;
E,F
#
# COMPACT_ATOMS: atom_id res chain seq x y z
N ASP A 4 2.36 -20.76 1.01
CA ASP A 4 3.07 -22.02 1.34
C ASP A 4 4.46 -22.03 0.67
N GLU A 5 4.47 -22.03 -0.67
CA GLU A 5 5.68 -22.03 -1.54
C GLU A 5 6.62 -20.85 -1.20
N LEU A 6 7.92 -21.13 -0.97
CA LEU A 6 8.96 -20.12 -0.69
C LEU A 6 9.54 -19.59 -2.01
N LEU A 7 9.42 -18.29 -2.24
CA LEU A 7 9.76 -17.64 -3.52
C LEU A 7 10.70 -16.49 -3.26
N TYR A 8 11.48 -16.10 -4.25
CA TYR A 8 12.53 -15.06 -4.13
C TYR A 8 12.22 -13.90 -5.05
N LEU A 9 12.08 -12.72 -4.45
CA LEU A 9 11.82 -11.45 -5.17
C LEU A 9 13.13 -10.69 -5.28
N PRO A 10 13.66 -10.49 -6.51
CA PRO A 10 14.83 -9.62 -6.70
C PRO A 10 14.43 -8.16 -6.53
N VAL A 11 15.18 -7.38 -5.75
CA VAL A 11 14.91 -5.93 -5.51
C VAL A 11 16.18 -5.14 -5.74
N ARG A 12 16.08 -4.07 -6.52
CA ARG A 12 17.14 -3.07 -6.75
C ARG A 12 16.82 -1.84 -5.88
N GLY A 13 17.65 -1.56 -4.89
CA GLY A 13 17.52 -0.36 -4.04
C GLY A 13 17.09 -0.69 -2.62
N ARG A 14 17.83 -0.16 -1.64
CA ARG A 14 17.62 -0.41 -0.19
C ARG A 14 16.23 0.09 0.22
N GLU A 15 15.84 1.26 -0.24
CA GLU A 15 14.60 1.96 0.20
C GLU A 15 13.38 1.15 -0.24
N THR A 16 13.35 0.71 -1.50
CA THR A 16 12.28 -0.16 -2.05
C THR A 16 12.29 -1.47 -1.26
N TYR A 17 13.47 -2.04 -1.01
CA TYR A 17 13.62 -3.32 -0.27
C TYR A 17 12.96 -3.17 1.10
N GLU A 18 13.34 -2.14 1.88
CA GLU A 18 12.92 -1.93 3.28
C GLU A 18 11.40 -1.79 3.32
N MET A 19 10.86 -1.10 2.33
CA MET A 19 9.41 -0.88 2.21
C MET A 19 8.72 -2.24 1.96
N LEU A 20 9.21 -3.01 1.01
CA LEU A 20 8.66 -4.36 0.68
C LEU A 20 8.82 -5.30 1.89
N LEU A 21 9.96 -5.24 2.60
CA LEU A 21 10.20 -6.05 3.83
C LEU A 21 9.12 -5.75 4.87
N LYS A 22 8.86 -4.49 5.15
CA LYS A 22 7.87 -4.10 6.19
C LYS A 22 6.52 -4.68 5.81
N ILE A 23 6.11 -4.55 4.55
CA ILE A 23 4.77 -5.01 4.07
C ILE A 23 4.73 -6.53 4.15
N LYS A 24 5.77 -7.21 3.68
CA LYS A 24 5.86 -8.68 3.69
C LYS A 24 5.64 -9.16 5.12
N GLU A 25 6.38 -8.60 6.07
CA GLU A 25 6.42 -9.08 7.46
C GLU A 25 5.09 -8.74 8.16
N SER A 26 4.46 -7.59 7.87
CA SER A 26 3.07 -7.28 8.33
C SER A 26 2.10 -8.36 7.82
N LEU A 27 2.19 -8.75 6.56
CA LEU A 27 1.29 -9.80 5.98
C LEU A 27 1.57 -11.17 6.61
N GLU A 28 2.84 -11.51 6.80
CA GLU A 28 3.22 -12.85 7.34
C GLU A 28 2.74 -12.95 8.79
N LEU A 29 2.96 -11.88 9.53
CA LEU A 29 2.73 -11.82 10.99
C LEU A 29 1.22 -11.86 11.23
N MET A 30 0.45 -11.36 10.27
CA MET A 30 -1.01 -11.30 10.35
C MET A 30 -1.61 -12.71 10.32
N GLN A 31 -1.01 -13.64 9.58
CA GLN A 31 -1.47 -15.05 9.45
C GLN A 31 -1.48 -15.73 10.82
N TYR A 32 -0.66 -15.23 11.75
CA TYR A 32 -0.42 -15.84 13.07
C TYR A 32 -1.34 -15.25 14.12
N LEU A 33 -2.08 -14.20 13.78
CA LEU A 33 -3.05 -13.55 14.69
C LEU A 33 -4.30 -14.40 14.77
N PRO A 34 -4.87 -14.57 15.99
CA PRO A 34 -6.07 -15.38 16.17
C PRO A 34 -7.25 -14.77 15.44
N GLN A 35 -8.19 -15.61 15.04
CA GLN A 35 -9.41 -15.19 14.30
C GLN A 35 -10.10 -14.04 15.07
N HIS A 36 -10.24 -14.12 16.39
CA HIS A 36 -11.05 -13.16 17.19
C HIS A 36 -10.47 -11.74 17.05
N THR A 37 -9.14 -11.64 16.94
CA THR A 37 -8.43 -10.36 16.74
C THR A 37 -8.76 -9.82 15.34
N ILE A 38 -8.56 -10.66 14.31
CA ILE A 38 -8.81 -10.27 12.90
C ILE A 38 -10.29 -9.89 12.72
N GLU A 39 -11.20 -10.70 13.26
CA GLU A 39 -12.67 -10.52 13.09
C GLU A 39 -13.10 -9.23 13.78
N THR A 40 -12.63 -8.99 15.00
CA THR A 40 -12.99 -7.77 15.77
C THR A 40 -12.46 -6.55 15.02
N TYR A 41 -11.23 -6.60 14.51
CA TYR A 41 -10.64 -5.51 13.71
C TYR A 41 -11.56 -5.18 12.52
N ARG A 42 -11.96 -6.19 11.78
CA ARG A 42 -12.75 -6.03 10.53
C ARG A 42 -14.13 -5.44 10.87
N GLN A 43 -14.76 -5.89 11.95
CA GLN A 43 -16.11 -5.39 12.31
C GLN A 43 -15.98 -3.93 12.77
N GLN A 44 -14.91 -3.57 13.48
CA GLN A 44 -14.65 -2.18 13.93
C GLN A 44 -14.45 -1.29 12.69
N GLN A 45 -13.87 -1.83 11.61
CA GLN A 45 -13.70 -1.13 10.31
C GLN A 45 -15.08 -0.83 9.71
N GLN A 46 -15.99 -1.81 9.70
CA GLN A 46 -17.37 -1.66 9.15
C GLN A 46 -18.20 -0.75 10.05
N GLN A 47 -18.00 -0.82 11.36
CA GLN A 47 -18.75 -0.05 12.38
C GLN A 47 -18.24 1.40 12.39
N GLN A 48 -17.23 1.69 11.58
CA GLN A 48 -16.71 3.07 11.34
C GLN A 48 -17.22 3.58 9.99
N HIS A 49 -17.05 2.78 8.93
CA HIS A 49 -17.48 3.11 7.55
C HIS A 49 -18.97 3.47 7.51
N GLN A 50 -19.74 2.94 8.46
CA GLN A 50 -21.18 3.28 8.73
C GLN A 50 -21.32 4.77 9.06
N HIS A 51 -20.49 5.30 9.97
CA HIS A 51 -20.49 6.72 10.42
C HIS A 51 -20.43 7.65 9.20
N GLU B 5 22.98 -2.93 -3.96
CA GLU B 5 21.88 -2.56 -4.88
C GLU B 5 20.95 -3.77 -5.09
N LEU B 6 21.50 -4.97 -5.36
CA LEU B 6 20.69 -6.20 -5.53
C LEU B 6 20.50 -6.89 -4.18
N LEU B 7 19.25 -7.01 -3.75
CA LEU B 7 18.86 -7.68 -2.47
C LEU B 7 17.70 -8.60 -2.78
N TYR B 8 17.72 -9.82 -2.24
CA TYR B 8 16.65 -10.82 -2.48
C TYR B 8 15.75 -10.87 -1.25
N LEU B 9 14.46 -10.69 -1.46
CA LEU B 9 13.42 -10.84 -0.42
C LEU B 9 12.79 -12.21 -0.57
N PRO B 10 12.96 -13.11 0.43
CA PRO B 10 12.23 -14.36 0.47
C PRO B 10 10.76 -14.10 0.82
N VAL B 11 9.84 -14.72 0.08
CA VAL B 11 8.38 -14.56 0.25
C VAL B 11 7.73 -15.95 0.35
N ARG B 12 6.81 -16.11 1.31
CA ARG B 12 5.97 -17.32 1.47
C ARG B 12 4.61 -17.08 0.82
N GLY B 13 4.31 -17.78 -0.27
CA GLY B 13 3.02 -17.73 -0.96
C GLY B 13 3.07 -16.98 -2.28
N ARG B 14 2.45 -17.55 -3.32
CA ARG B 14 2.29 -16.97 -4.68
C ARG B 14 1.60 -15.61 -4.56
N GLU B 15 0.51 -15.51 -3.78
CA GLU B 15 -0.38 -14.32 -3.81
C GLU B 15 0.38 -13.14 -3.20
N THR B 16 1.07 -13.36 -2.09
CA THR B 16 1.91 -12.32 -1.44
C THR B 16 3.02 -11.92 -2.42
N TYR B 17 3.65 -12.90 -3.07
CA TYR B 17 4.74 -12.67 -4.05
C TYR B 17 4.26 -11.75 -5.17
N GLU B 18 3.13 -12.10 -5.81
CA GLU B 18 2.58 -11.37 -6.99
C GLU B 18 2.23 -9.95 -6.57
N MET B 19 1.72 -9.78 -5.38
CA MET B 19 1.38 -8.46 -4.81
C MET B 19 2.65 -7.62 -4.65
N LEU B 20 3.68 -8.19 -4.02
CA LEU B 20 4.96 -7.49 -3.81
C LEU B 20 5.65 -7.25 -5.16
N LEU B 21 5.53 -8.16 -6.13
CA LEU B 21 6.08 -7.94 -7.51
C LEU B 21 5.42 -6.69 -8.14
N LYS B 22 4.11 -6.61 -8.11
CA LYS B 22 3.34 -5.49 -8.72
C LYS B 22 3.81 -4.18 -8.10
N ILE B 23 3.96 -4.14 -6.78
CA ILE B 23 4.35 -2.90 -6.03
C ILE B 23 5.79 -2.56 -6.38
N LYS B 24 6.68 -3.55 -6.36
CA LYS B 24 8.11 -3.35 -6.68
C LYS B 24 8.20 -2.68 -8.06
N GLU B 25 7.51 -3.23 -9.04
CA GLU B 25 7.64 -2.77 -10.44
C GLU B 25 6.98 -1.40 -10.62
N SER B 26 5.86 -1.09 -9.95
CA SER B 26 5.27 0.28 -9.92
C SER B 26 6.30 1.27 -9.35
N LEU B 27 6.98 0.90 -8.27
CA LEU B 27 7.99 1.81 -7.61
C LEU B 27 9.21 1.97 -8.52
N GLU B 28 9.66 0.91 -9.15
CA GLU B 28 10.88 0.95 -10.01
C GLU B 28 10.57 1.80 -11.24
N LEU B 29 9.39 1.59 -11.83
CA LEU B 29 8.86 2.28 -13.02
C LEU B 29 8.85 3.80 -12.78
N MET B 30 8.57 4.22 -11.55
CA MET B 30 8.34 5.65 -11.22
C MET B 30 9.62 6.46 -11.39
N GLN B 31 10.77 5.86 -11.10
CA GLN B 31 12.14 6.42 -11.30
C GLN B 31 12.34 6.94 -12.75
N TYR B 32 11.62 6.37 -13.72
CA TYR B 32 11.82 6.60 -15.18
C TYR B 32 10.75 7.53 -15.71
N LEU B 33 9.77 7.92 -14.90
CA LEU B 33 8.68 8.83 -15.34
C LEU B 33 9.21 10.25 -15.35
N PRO B 34 8.86 11.06 -16.39
CA PRO B 34 9.25 12.45 -16.43
C PRO B 34 8.66 13.24 -15.27
N GLN B 35 9.33 14.32 -14.86
CA GLN B 35 8.84 15.22 -13.81
C GLN B 35 7.41 15.67 -14.12
N HIS B 36 7.10 16.05 -15.36
CA HIS B 36 5.81 16.70 -15.72
C HIS B 36 4.68 15.72 -15.47
N THR B 37 4.94 14.41 -15.65
CA THR B 37 3.94 13.34 -15.42
C THR B 37 3.68 13.23 -13.92
N ILE B 38 4.73 13.11 -13.13
CA ILE B 38 4.64 12.95 -11.66
C ILE B 38 3.97 14.20 -11.08
N GLU B 39 4.40 15.38 -11.50
CA GLU B 39 3.98 16.67 -10.92
C GLU B 39 2.51 16.90 -11.25
N THR B 40 2.09 16.62 -12.49
CA THR B 40 0.69 16.79 -12.92
C THR B 40 -0.18 15.83 -12.11
N TYR B 41 0.25 14.59 -11.94
CA TYR B 41 -0.49 13.58 -11.13
C TYR B 41 -0.72 14.14 -9.72
N ARG B 42 0.34 14.62 -9.08
CA ARG B 42 0.32 15.07 -7.67
C ARG B 42 -0.62 16.28 -7.53
N GLN B 43 -0.61 17.21 -8.48
CA GLN B 43 -1.46 18.43 -8.39
C GLN B 43 -2.92 18.01 -8.57
N GLN B 44 -3.21 17.05 -9.46
CA GLN B 44 -4.58 16.54 -9.70
C GLN B 44 -5.09 15.86 -8.44
N GLN B 45 -4.19 15.21 -7.67
CA GLN B 45 -4.51 14.56 -6.37
C GLN B 45 -4.95 15.62 -5.36
N GLN B 46 -4.22 16.74 -5.27
CA GLN B 46 -4.49 17.83 -4.30
C GLN B 46 -5.76 18.59 -4.72
N GLN B 47 -5.95 18.76 -6.05
CA GLN B 47 -7.08 19.50 -6.65
C GLN B 47 -8.36 18.68 -6.51
N GLN B 48 -8.24 17.45 -5.99
CA GLN B 48 -9.39 16.55 -5.68
C GLN B 48 -9.63 16.54 -4.18
N HIS B 49 -8.57 16.28 -3.40
CA HIS B 49 -8.61 16.16 -1.92
C HIS B 49 -9.22 17.42 -1.30
N GLN B 50 -9.09 18.57 -1.97
CA GLN B 50 -9.65 19.86 -1.50
C GLN B 50 -11.14 19.89 -1.86
N HIS B 51 -11.50 19.40 -3.06
CA HIS B 51 -12.91 19.21 -3.49
C HIS B 51 -13.63 18.18 -2.59
N LEU B 52 -12.90 17.19 -2.05
CA LEU B 52 -13.45 16.15 -1.14
C LEU B 52 -12.34 15.67 -0.18
N ASP C 4 -12.22 10.72 14.61
CA ASP C 4 -11.00 11.57 14.63
C ASP C 4 -9.81 10.74 14.16
N GLU C 5 -8.67 11.39 13.90
CA GLU C 5 -7.32 10.77 13.76
C GLU C 5 -7.30 9.81 12.56
N LEU C 6 -8.45 9.57 11.90
CA LEU C 6 -8.55 8.74 10.68
C LEU C 6 -8.29 9.63 9.46
N LEU C 7 -7.25 9.31 8.69
CA LEU C 7 -6.92 9.99 7.42
C LEU C 7 -7.56 9.20 6.29
N TYR C 8 -7.96 9.90 5.22
CA TYR C 8 -8.75 9.31 4.11
C TYR C 8 -7.96 9.45 2.82
N LEU C 9 -7.63 8.29 2.25
CA LEU C 9 -6.79 8.18 1.04
C LEU C 9 -7.72 7.90 -0.13
N PRO C 10 -7.82 8.84 -1.10
CA PRO C 10 -8.59 8.62 -2.31
C PRO C 10 -7.86 7.64 -3.21
N VAL C 11 -8.58 6.66 -3.76
CA VAL C 11 -8.03 5.62 -4.65
C VAL C 11 -8.87 5.52 -5.91
N ARG C 12 -8.19 5.50 -7.06
CA ARG C 12 -8.79 5.29 -8.40
C ARG C 12 -8.64 3.81 -8.77
N GLY C 13 -9.74 3.07 -8.81
CA GLY C 13 -9.78 1.70 -9.32
C GLY C 13 -9.92 0.65 -8.22
N ARG C 14 -10.77 -0.33 -8.45
CA ARG C 14 -11.13 -1.38 -7.45
C ARG C 14 -9.90 -2.22 -7.14
N GLU C 15 -9.12 -2.56 -8.16
CA GLU C 15 -7.94 -3.45 -8.05
C GLU C 15 -6.88 -2.81 -7.13
N THR C 16 -6.56 -1.55 -7.39
CA THR C 16 -5.61 -0.77 -6.57
C THR C 16 -6.16 -0.67 -5.15
N TYR C 17 -7.46 -0.41 -5.01
CA TYR C 17 -8.15 -0.27 -3.71
C TYR C 17 -7.96 -1.55 -2.89
N GLU C 18 -8.31 -2.69 -3.46
CA GLU C 18 -8.30 -4.02 -2.78
C GLU C 18 -6.88 -4.34 -2.33
N MET C 19 -5.91 -4.00 -3.15
CA MET C 19 -4.49 -4.20 -2.84
C MET C 19 -4.11 -3.34 -1.62
N LEU C 20 -4.45 -2.06 -1.66
CA LEU C 20 -4.16 -1.11 -0.57
C LEU C 20 -4.94 -1.51 0.69
N LEU C 21 -6.17 -2.00 0.57
CA LEU C 21 -6.97 -2.48 1.74
C LEU C 21 -6.23 -3.62 2.44
N LYS C 22 -5.77 -4.62 1.70
CA LYS C 22 -5.09 -5.79 2.30
C LYS C 22 -3.86 -5.30 3.08
N ILE C 23 -3.11 -4.39 2.50
CA ILE C 23 -1.83 -3.90 3.09
C ILE C 23 -2.16 -3.04 4.32
N LYS C 24 -3.15 -2.17 4.21
CA LYS C 24 -3.62 -1.31 5.33
C LYS C 24 -3.94 -2.19 6.54
N GLU C 25 -4.69 -3.25 6.35
CA GLU C 25 -5.13 -4.18 7.42
C GLU C 25 -3.90 -4.78 8.14
N SER C 26 -2.96 -5.34 7.35
CA SER C 26 -1.72 -5.96 7.87
C SER C 26 -0.90 -4.91 8.65
N LEU C 27 -0.76 -3.69 8.12
CA LEU C 27 0.08 -2.65 8.76
C LEU C 27 -0.61 -2.13 10.01
N GLU C 28 -1.91 -1.95 9.96
CA GLU C 28 -2.67 -1.41 11.11
C GLU C 28 -2.65 -2.43 12.24
N LEU C 29 -2.78 -3.71 11.93
CA LEU C 29 -2.80 -4.77 12.97
C LEU C 29 -1.40 -4.87 13.61
N MET C 30 -0.37 -4.66 12.80
CA MET C 30 1.03 -4.74 13.24
C MET C 30 1.33 -3.58 14.17
N GLN C 31 0.74 -2.42 13.93
CA GLN C 31 0.95 -1.16 14.70
C GLN C 31 0.55 -1.33 16.17
N TYR C 32 -0.35 -2.27 16.49
CA TYR C 32 -0.82 -2.48 17.89
C TYR C 32 0.27 -3.16 18.72
N LEU C 33 1.22 -3.81 18.05
CA LEU C 33 2.24 -4.64 18.74
C LEU C 33 3.32 -3.74 19.27
N PRO C 34 3.85 -4.01 20.49
CA PRO C 34 5.07 -3.36 20.95
C PRO C 34 6.26 -3.70 20.03
N GLN C 35 7.24 -2.82 19.98
CA GLN C 35 8.54 -3.06 19.28
C GLN C 35 9.10 -4.44 19.66
N HIS C 36 9.10 -4.80 20.96
CA HIS C 36 9.78 -6.02 21.48
C HIS C 36 9.16 -7.26 20.82
N THR C 37 7.85 -7.24 20.58
CA THR C 37 7.11 -8.34 19.94
C THR C 37 7.55 -8.46 18.49
N ILE C 38 7.51 -7.35 17.75
CA ILE C 38 7.80 -7.35 16.30
C ILE C 38 9.27 -7.72 16.10
N GLU C 39 10.17 -7.17 16.92
CA GLU C 39 11.65 -7.37 16.81
C GLU C 39 11.98 -8.87 16.96
N THR C 40 11.33 -9.57 17.88
CA THR C 40 11.53 -11.03 18.11
C THR C 40 11.26 -11.80 16.81
N TYR C 41 10.17 -11.49 16.11
CA TYR C 41 9.81 -12.17 14.84
C TYR C 41 10.93 -11.97 13.82
N ARG C 42 11.38 -10.72 13.68
CA ARG C 42 12.39 -10.28 12.68
C ARG C 42 13.71 -11.02 12.86
N GLN C 43 14.01 -11.56 14.04
CA GLN C 43 15.27 -12.31 14.33
C GLN C 43 15.39 -13.51 13.38
N GLN C 44 14.30 -14.26 13.24
CA GLN C 44 14.23 -15.46 12.36
C GLN C 44 14.46 -15.05 10.91
N GLN C 45 13.99 -13.86 10.52
CA GLN C 45 14.19 -13.26 9.17
C GLN C 45 15.68 -13.03 8.93
N GLN C 46 16.40 -12.47 9.90
CA GLN C 46 17.85 -12.11 9.75
C GLN C 46 18.68 -13.41 9.74
N GLN C 47 18.10 -14.53 10.17
CA GLN C 47 18.65 -15.90 9.92
C GLN C 47 18.08 -16.44 8.61
N GLU D 5 -12.94 4.63 -11.05
CA GLU D 5 -13.92 4.47 -9.92
C GLU D 5 -13.27 4.96 -8.61
N LEU D 6 -13.78 6.08 -8.09
CA LEU D 6 -13.12 6.89 -7.01
C LEU D 6 -13.61 6.38 -5.65
N LEU D 7 -12.70 5.84 -4.84
CA LEU D 7 -12.98 5.18 -3.56
C LEU D 7 -12.07 5.77 -2.50
N TYR D 8 -12.47 5.67 -1.24
CA TYR D 8 -11.81 6.32 -0.09
C TYR D 8 -11.44 5.27 0.94
N LEU D 9 -10.18 5.21 1.30
CA LEU D 9 -9.65 4.25 2.28
C LEU D 9 -9.42 5.00 3.58
N PRO D 10 -10.17 4.66 4.66
CA PRO D 10 -9.88 5.20 5.99
C PRO D 10 -8.60 4.55 6.53
N VAL D 11 -7.71 5.34 7.11
CA VAL D 11 -6.39 4.90 7.63
C VAL D 11 -6.18 5.49 9.02
N ARG D 12 -5.75 4.65 9.95
CA ARG D 12 -5.29 5.06 11.31
C ARG D 12 -3.78 5.05 11.31
N GLY D 13 -3.16 6.21 11.52
CA GLY D 13 -1.71 6.30 11.78
C GLY D 13 -0.97 6.96 10.63
N ARG D 14 -0.11 7.92 10.94
CA ARG D 14 0.61 8.76 9.96
C ARG D 14 1.53 7.86 9.12
N GLU D 15 2.24 6.95 9.79
CA GLU D 15 3.29 6.10 9.19
C GLU D 15 2.64 5.18 8.16
N THR D 16 1.55 4.54 8.53
CA THR D 16 0.76 3.65 7.66
C THR D 16 0.25 4.48 6.48
N TYR D 17 -0.26 5.68 6.75
CA TYR D 17 -0.82 6.58 5.72
C TYR D 17 0.26 6.90 4.68
N GLU D 18 1.42 7.39 5.12
CA GLU D 18 2.54 7.80 4.23
C GLU D 18 3.00 6.60 3.37
N MET D 19 3.04 5.42 3.96
CA MET D 19 3.45 4.18 3.25
C MET D 19 2.41 3.89 2.17
N LEU D 20 1.12 3.90 2.53
CA LEU D 20 0.02 3.66 1.56
C LEU D 20 -0.02 4.75 0.48
N LEU D 21 0.26 6.00 0.83
CA LEU D 21 0.33 7.11 -0.15
C LEU D 21 1.40 6.81 -1.22
N LYS D 22 2.62 6.44 -0.80
CA LYS D 22 3.74 6.18 -1.72
C LYS D 22 3.33 5.07 -2.68
N ILE D 23 2.71 4.02 -2.17
CA ILE D 23 2.34 2.82 -2.95
C ILE D 23 1.20 3.19 -3.88
N LYS D 24 0.21 3.91 -3.39
CA LYS D 24 -0.96 4.37 -4.20
C LYS D 24 -0.43 5.14 -5.41
N GLU D 25 0.48 6.06 -5.22
CA GLU D 25 0.99 6.95 -6.30
C GLU D 25 1.62 6.08 -7.40
N SER D 26 2.57 5.22 -6.98
CA SER D 26 3.31 4.32 -7.89
C SER D 26 2.33 3.42 -8.64
N LEU D 27 1.33 2.86 -7.96
CA LEU D 27 0.37 1.93 -8.63
C LEU D 27 -0.54 2.69 -9.58
N GLU D 28 -0.98 3.88 -9.19
CA GLU D 28 -1.94 4.66 -9.98
C GLU D 28 -1.25 5.12 -11.26
N LEU D 29 0.03 5.51 -11.17
CA LEU D 29 0.78 6.01 -12.34
C LEU D 29 1.02 4.84 -13.32
N MET D 30 1.24 3.65 -12.78
CA MET D 30 1.50 2.45 -13.61
C MET D 30 0.21 2.04 -14.34
N GLN D 31 -0.93 2.22 -13.68
CA GLN D 31 -2.26 1.80 -14.18
C GLN D 31 -2.61 2.54 -15.47
N TYR D 32 -2.09 3.74 -15.67
CA TYR D 32 -2.38 4.55 -16.87
C TYR D 32 -1.71 3.95 -18.11
N LEU D 33 -0.65 3.16 -17.93
CA LEU D 33 0.13 2.61 -19.06
C LEU D 33 -0.62 1.46 -19.69
N PRO D 34 -0.65 1.37 -21.05
CA PRO D 34 -1.20 0.20 -21.72
C PRO D 34 -0.35 -1.02 -21.39
N GLN D 35 -0.90 -2.21 -21.51
CA GLN D 35 -0.15 -3.47 -21.24
C GLN D 35 1.15 -3.47 -22.07
N HIS D 36 1.11 -3.07 -23.35
CA HIS D 36 2.29 -3.22 -24.26
C HIS D 36 3.45 -2.36 -23.74
N THR D 37 3.13 -1.21 -23.15
CA THR D 37 4.13 -0.28 -22.57
C THR D 37 4.77 -0.94 -21.34
N ILE D 38 3.97 -1.50 -20.45
CA ILE D 38 4.47 -2.26 -19.26
C ILE D 38 5.33 -3.43 -19.75
N GLU D 39 4.86 -4.19 -20.75
CA GLU D 39 5.57 -5.38 -21.33
C GLU D 39 6.95 -4.95 -21.89
N THR D 40 6.98 -3.90 -22.68
CA THR D 40 8.21 -3.35 -23.31
C THR D 40 9.18 -2.93 -22.19
N TYR D 41 8.68 -2.26 -21.14
CA TYR D 41 9.49 -1.81 -19.99
C TYR D 41 10.17 -3.03 -19.37
N ARG D 42 9.39 -4.07 -19.08
CA ARG D 42 9.87 -5.32 -18.42
C ARG D 42 11.01 -5.94 -19.26
N GLN D 43 10.82 -6.06 -20.57
CA GLN D 43 11.80 -6.65 -21.50
C GLN D 43 13.11 -5.85 -21.46
N GLN D 44 13.00 -4.52 -21.53
CA GLN D 44 14.16 -3.60 -21.57
C GLN D 44 14.94 -3.72 -20.24
N GLN D 45 14.24 -3.98 -19.13
CA GLN D 45 14.88 -4.17 -17.80
C GLN D 45 15.66 -5.49 -17.80
N GLN D 46 15.08 -6.56 -18.35
CA GLN D 46 15.63 -7.94 -18.35
C GLN D 46 16.90 -7.98 -19.20
N GLN D 47 17.08 -7.00 -20.09
CA GLN D 47 18.33 -6.79 -20.84
C GLN D 47 19.16 -5.69 -20.16
N GLY E 1 18.41 -3.74 -34.95
CA GLY E 1 18.58 -3.11 -36.30
C GLY E 1 18.92 -1.63 -36.18
N SER E 2 18.34 -0.78 -37.06
CA SER E 2 18.60 0.68 -37.18
C SER E 2 18.54 1.37 -35.80
N ASP E 3 19.57 2.16 -35.46
CA ASP E 3 19.52 3.07 -34.28
C ASP E 3 19.28 4.51 -34.74
N LEU E 4 18.86 4.72 -36.01
CA LEU E 4 18.63 6.08 -36.59
C LEU E 4 17.55 6.80 -35.75
N GLY E 5 16.44 6.12 -35.50
CA GLY E 5 15.33 6.64 -34.69
C GLY E 5 15.81 7.02 -33.30
N LYS E 6 16.58 6.13 -32.68
CA LYS E 6 17.12 6.34 -31.32
C LYS E 6 18.03 7.56 -31.38
N LYS E 7 18.85 7.69 -32.41
CA LYS E 7 19.82 8.79 -32.52
C LYS E 7 19.10 10.12 -32.81
N LEU E 8 17.99 10.09 -33.54
CA LEU E 8 17.17 11.30 -33.77
C LEU E 8 16.49 11.72 -32.46
N LEU E 9 15.94 10.79 -31.68
CA LEU E 9 15.33 11.13 -30.38
C LEU E 9 16.36 11.87 -29.53
N GLU E 10 17.58 11.33 -29.45
CA GLU E 10 18.68 11.89 -28.61
C GLU E 10 19.08 13.27 -29.14
N ALA E 11 19.21 13.42 -30.45
CA ALA E 11 19.69 14.68 -31.10
C ALA E 11 18.66 15.80 -30.84
N ALA E 12 17.37 15.45 -30.88
CA ALA E 12 16.25 16.40 -30.68
C ALA E 12 16.19 16.82 -29.21
N ARG E 13 16.39 15.89 -28.27
CA ARG E 13 16.47 16.20 -26.81
C ARG E 13 17.67 17.12 -26.55
N ALA E 14 18.82 16.80 -27.13
CA ALA E 14 20.10 17.44 -26.80
C ALA E 14 20.23 18.79 -27.52
N GLY E 15 19.34 19.07 -28.46
CA GLY E 15 19.35 20.33 -29.24
C GLY E 15 20.48 20.38 -30.25
N GLN E 16 20.79 19.23 -30.90
CA GLN E 16 21.90 19.09 -31.88
C GLN E 16 21.34 19.31 -33.29
N ASP E 17 21.07 20.57 -33.65
CA ASP E 17 20.31 20.96 -34.88
C ASP E 17 20.84 20.20 -36.09
N ASP E 18 22.16 20.33 -36.32
CA ASP E 18 22.87 19.80 -37.50
C ASP E 18 22.73 18.27 -37.54
N GLU E 19 22.85 17.63 -36.39
CA GLU E 19 22.75 16.16 -36.26
C GLU E 19 21.35 15.69 -36.67
N VAL E 20 20.33 16.46 -36.31
CA VAL E 20 18.91 16.15 -36.67
C VAL E 20 18.77 16.18 -38.21
N ARG E 21 19.28 17.21 -38.86
CA ARG E 21 19.19 17.36 -40.33
C ARG E 21 19.91 16.18 -40.99
N ILE E 22 21.10 15.82 -40.50
CA ILE E 22 21.90 14.70 -41.06
C ILE E 22 21.11 13.40 -40.92
N LEU E 23 20.50 13.18 -39.77
CA LEU E 23 19.83 11.89 -39.47
C LEU E 23 18.63 11.71 -40.39
N MET E 24 17.96 12.81 -40.75
CA MET E 24 16.75 12.76 -41.59
C MET E 24 17.09 12.66 -43.09
N ALA E 25 18.15 13.30 -43.57
CA ALA E 25 18.65 13.09 -44.95
C ALA E 25 19.08 11.62 -45.09
N ASN E 26 19.45 10.97 -43.98
CA ASN E 26 19.95 9.56 -43.93
C ASN E 26 18.76 8.60 -43.70
N GLY E 27 17.55 9.13 -43.58
CA GLY E 27 16.29 8.38 -43.70
C GLY E 27 15.73 8.03 -42.35
N ALA E 28 16.15 8.73 -41.29
CA ALA E 28 15.72 8.50 -39.90
C ALA E 28 14.24 8.86 -39.79
N ASP E 29 13.47 8.02 -39.11
CA ASP E 29 12.01 8.13 -38.95
C ASP E 29 11.69 9.38 -38.11
N VAL E 30 11.07 10.38 -38.71
CA VAL E 30 10.79 11.68 -38.05
C VAL E 30 9.81 11.42 -36.86
N ASN E 31 9.05 10.33 -36.91
CA ASN E 31 8.00 10.00 -35.93
C ASN E 31 8.41 8.76 -35.12
N ALA E 32 9.73 8.47 -35.03
CA ALA E 32 10.28 7.47 -34.09
C ALA E 32 9.81 7.82 -32.65
N ALA E 33 9.48 6.82 -31.84
CA ALA E 33 8.99 7.00 -30.46
C ALA E 33 9.81 6.11 -29.50
N ASP E 34 10.15 6.63 -28.33
CA ASP E 34 10.72 5.79 -27.26
C ASP E 34 9.58 4.99 -26.57
N TRP E 35 9.89 4.30 -25.50
CA TRP E 35 8.98 3.29 -24.87
C TRP E 35 7.80 4.00 -24.20
N LEU E 36 7.91 5.28 -23.89
CA LEU E 36 6.77 6.08 -23.36
C LEU E 36 6.01 6.86 -24.46
N GLY E 37 6.36 6.67 -25.75
CA GLY E 37 5.71 7.36 -26.89
C GLY E 37 6.25 8.77 -27.16
N TYR E 38 7.40 9.13 -26.59
CA TYR E 38 8.05 10.44 -26.86
C TYR E 38 8.68 10.38 -28.25
N THR E 39 8.27 11.31 -29.11
CA THR E 39 8.78 11.52 -30.48
C THR E 39 9.87 12.59 -30.41
N PRO E 40 10.69 12.72 -31.46
CA PRO E 40 11.61 13.86 -31.56
C PRO E 40 10.91 15.21 -31.30
N LEU E 41 9.72 15.40 -31.85
CA LEU E 41 9.02 16.71 -31.73
C LEU E 41 8.68 16.94 -30.26
N HIS E 42 8.19 15.90 -29.55
CA HIS E 42 7.93 15.94 -28.09
C HIS E 42 9.17 16.49 -27.38
N LEU E 43 10.30 15.85 -27.60
CA LEU E 43 11.53 16.15 -26.83
C LEU E 43 12.04 17.55 -27.18
N ALA E 44 11.95 17.97 -28.44
CA ALA E 44 12.41 19.31 -28.87
C ALA E 44 11.53 20.39 -28.24
N ALA E 45 10.23 20.13 -28.12
CA ALA E 45 9.26 21.09 -27.55
C ALA E 45 9.49 21.18 -26.02
N TRP E 46 9.67 20.04 -25.37
CA TRP E 46 9.99 19.88 -23.93
C TRP E 46 11.23 20.71 -23.60
N TYR E 47 12.32 20.53 -24.35
CA TYR E 47 13.66 21.08 -24.02
C TYR E 47 13.93 22.40 -24.74
N GLY E 48 12.98 22.91 -25.50
CA GLY E 48 12.99 24.30 -26.02
C GLY E 48 13.96 24.48 -27.20
N HIS E 49 14.04 23.53 -28.11
CA HIS E 49 14.88 23.59 -29.33
C HIS E 49 14.00 23.99 -30.50
N LEU E 50 13.85 25.31 -30.71
CA LEU E 50 12.95 25.92 -31.71
C LEU E 50 13.30 25.45 -33.13
N GLU E 51 14.57 25.52 -33.56
CA GLU E 51 14.90 25.22 -34.99
CA GLU E 51 14.98 25.20 -34.96
C GLU E 51 14.64 23.74 -35.25
N ILE E 52 14.87 22.88 -34.28
CA ILE E 52 14.60 21.44 -34.41
C ILE E 52 13.07 21.22 -34.51
N VAL E 53 12.30 21.89 -33.65
CA VAL E 53 10.81 21.84 -33.77
C VAL E 53 10.43 22.17 -35.23
N GLU E 54 11.05 23.21 -35.80
CA GLU E 54 10.70 23.72 -37.15
C GLU E 54 11.02 22.65 -38.21
N VAL E 55 12.22 22.09 -38.17
CA VAL E 55 12.66 21.11 -39.20
C VAL E 55 11.81 19.84 -39.09
N LEU E 56 11.47 19.41 -37.87
CA LEU E 56 10.67 18.17 -37.67
C LEU E 56 9.28 18.38 -38.29
N LEU E 57 8.64 19.53 -38.04
CA LEU E 57 7.27 19.85 -38.56
C LEU E 57 7.30 19.84 -40.11
N LYS E 58 8.33 20.46 -40.69
CA LYS E 58 8.58 20.55 -42.14
C LYS E 58 8.75 19.14 -42.74
N THR E 59 9.25 18.18 -41.97
CA THR E 59 9.60 16.81 -42.45
C THR E 59 8.49 15.80 -42.16
N GLY E 60 7.34 16.22 -41.61
CA GLY E 60 6.14 15.37 -41.44
C GLY E 60 5.95 14.85 -40.02
N ALA E 61 6.67 15.38 -39.02
CA ALA E 61 6.45 15.06 -37.59
C ALA E 61 4.97 15.30 -37.27
N ASP E 62 4.35 14.36 -36.53
CA ASP E 62 2.94 14.45 -36.12
C ASP E 62 2.88 15.47 -35.00
N VAL E 63 2.22 16.59 -35.26
CA VAL E 63 2.23 17.75 -34.33
C VAL E 63 1.40 17.41 -33.06
N ASN E 64 0.52 16.38 -33.16
CA ASN E 64 -0.41 15.98 -32.06
C ASN E 64 -0.15 14.53 -31.60
N ALA E 65 1.09 14.07 -31.73
CA ALA E 65 1.55 12.75 -31.22
C ALA E 65 1.32 12.71 -29.72
N ARG E 66 0.87 11.56 -29.21
CA ARG E 66 0.55 11.39 -27.76
C ARG E 66 1.63 10.50 -27.15
N ASP E 67 2.16 10.87 -26.00
CA ASP E 67 2.94 9.95 -25.15
C ASP E 67 1.93 9.03 -24.43
N ALA E 68 2.39 8.17 -23.55
CA ALA E 68 1.56 7.10 -22.93
C ALA E 68 0.59 7.73 -21.94
N TYR E 69 0.87 8.96 -21.49
CA TYR E 69 0.01 9.75 -20.57
C TYR E 69 -0.82 10.79 -21.34
N GLY E 70 -0.93 10.64 -22.68
CA GLY E 70 -1.76 11.52 -23.54
C GLY E 70 -1.18 12.94 -23.69
N ILE E 71 0.11 13.12 -23.38
CA ILE E 71 0.86 14.42 -23.52
C ILE E 71 1.21 14.66 -25.01
N THR E 72 0.97 15.89 -25.49
CA THR E 72 1.32 16.36 -26.85
C THR E 72 2.47 17.32 -26.75
N PRO E 73 3.19 17.55 -27.86
CA PRO E 73 4.20 18.60 -27.92
C PRO E 73 3.75 19.95 -27.37
N LEU E 74 2.52 20.37 -27.67
CA LEU E 74 1.99 21.69 -27.22
C LEU E 74 1.89 21.71 -25.69
N HIS E 75 1.52 20.59 -25.09
CA HIS E 75 1.48 20.42 -23.62
C HIS E 75 2.88 20.70 -23.06
N LEU E 76 3.91 20.10 -23.66
CA LEU E 76 5.28 20.18 -23.12
C LEU E 76 5.82 21.60 -23.26
N ALA E 77 5.54 22.25 -24.41
CA ALA E 77 5.97 23.64 -24.68
C ALA E 77 5.29 24.57 -23.67
N ALA E 78 4.05 24.27 -23.26
CA ALA E 78 3.30 25.09 -22.29
C ALA E 78 3.88 24.85 -20.90
N TYR E 79 4.05 23.60 -20.51
CA TYR E 79 4.51 23.20 -19.17
C TYR E 79 5.86 23.84 -18.88
N TYR E 80 6.77 23.78 -19.86
CA TYR E 80 8.18 24.13 -19.69
C TYR E 80 8.45 25.55 -20.22
N GLY E 81 7.42 26.29 -20.61
CA GLY E 81 7.49 27.76 -20.75
C GLY E 81 8.22 28.21 -22.02
N HIS E 82 8.00 27.53 -23.14
CA HIS E 82 8.67 27.80 -24.44
C HIS E 82 7.65 28.46 -25.38
N LEU E 83 7.52 29.78 -25.28
CA LEU E 83 6.42 30.56 -25.91
C LEU E 83 6.51 30.46 -27.44
N GLU E 84 7.68 30.65 -28.01
CA GLU E 84 7.87 30.66 -29.50
C GLU E 84 7.53 29.29 -30.04
N ILE E 85 7.88 28.22 -29.30
CA ILE E 85 7.56 26.85 -29.71
C ILE E 85 6.03 26.67 -29.67
N VAL E 86 5.35 27.23 -28.67
CA VAL E 86 3.87 27.16 -28.57
C VAL E 86 3.26 27.79 -29.84
N GLU E 87 3.78 28.94 -30.25
CA GLU E 87 3.29 29.71 -31.42
C GLU E 87 3.51 28.91 -32.70
N VAL E 88 4.67 28.28 -32.85
CA VAL E 88 4.99 27.47 -34.07
C VAL E 88 4.09 26.24 -34.09
N LEU E 89 3.90 25.56 -32.95
CA LEU E 89 3.07 24.35 -32.89
C LEU E 89 1.61 24.73 -33.27
N LEU E 90 1.14 25.86 -32.76
CA LEU E 90 -0.23 26.37 -33.07
C LEU E 90 -0.38 26.61 -34.60
N LYS E 91 0.60 27.22 -35.23
CA LYS E 91 0.56 27.53 -36.68
C LYS E 91 0.56 26.23 -37.51
N HIS E 92 1.10 25.13 -36.96
CA HIS E 92 1.19 23.83 -37.67
C HIS E 92 0.08 22.86 -37.22
N GLY E 93 -0.96 23.36 -36.55
CA GLY E 93 -2.22 22.63 -36.27
C GLY E 93 -2.20 21.86 -34.93
N ALA E 94 -1.34 22.22 -33.99
CA ALA E 94 -1.37 21.63 -32.62
C ALA E 94 -2.77 21.79 -32.02
N ASP E 95 -3.29 20.73 -31.41
CA ASP E 95 -4.66 20.64 -30.86
C ASP E 95 -4.70 21.35 -29.50
N VAL E 96 -5.24 22.57 -29.48
CA VAL E 96 -5.37 23.44 -28.28
C VAL E 96 -6.31 22.75 -27.26
N ASN E 97 -7.18 21.83 -27.72
CA ASN E 97 -8.19 21.17 -26.85
C ASN E 97 -7.70 19.79 -26.39
N ALA E 98 -6.55 19.33 -26.85
CA ALA E 98 -5.94 18.05 -26.42
C ALA E 98 -5.95 17.99 -24.88
N GLN E 99 -6.48 16.90 -24.34
CA GLN E 99 -6.44 16.57 -22.89
C GLN E 99 -5.53 15.38 -22.69
N ASP E 100 -4.60 15.46 -21.73
CA ASP E 100 -3.80 14.30 -21.29
C ASP E 100 -4.71 13.39 -20.44
N LYS E 101 -4.17 12.29 -19.93
CA LYS E 101 -4.94 11.25 -19.20
C LYS E 101 -5.33 11.77 -17.80
N PHE E 102 -4.83 12.94 -17.40
CA PHE E 102 -5.23 13.63 -16.14
C PHE E 102 -6.24 14.74 -16.43
N GLY E 103 -6.73 14.86 -17.67
CA GLY E 103 -7.81 15.79 -18.07
C GLY E 103 -7.29 17.18 -18.40
N LYS E 104 -5.97 17.35 -18.47
CA LYS E 104 -5.29 18.66 -18.61
C LYS E 104 -5.07 18.99 -20.10
N THR E 105 -5.42 20.22 -20.47
CA THR E 105 -5.09 20.87 -21.76
C THR E 105 -3.74 21.53 -21.66
N PRO E 106 -3.14 21.98 -22.77
CA PRO E 106 -1.93 22.77 -22.67
C PRO E 106 -2.14 24.02 -21.82
N PHE E 107 -3.29 24.66 -21.99
CA PHE E 107 -3.67 25.88 -21.23
C PHE E 107 -3.59 25.56 -19.73
N ASP E 108 -4.19 24.43 -19.31
CA ASP E 108 -4.24 24.02 -17.87
C ASP E 108 -2.81 23.89 -17.33
N LEU E 109 -1.92 23.20 -18.04
CA LEU E 109 -0.50 23.04 -17.60
C LEU E 109 0.20 24.41 -17.54
N ALA E 110 -0.04 25.30 -18.51
CA ALA E 110 0.52 26.69 -18.50
C ALA E 110 0.10 27.41 -17.19
N ILE E 111 -1.20 27.42 -16.86
CA ILE E 111 -1.74 28.04 -15.63
C ILE E 111 -1.09 27.38 -14.41
N ASP E 112 -1.07 26.04 -14.36
CA ASP E 112 -0.59 25.27 -13.19
C ASP E 112 0.87 25.62 -12.92
N ASN E 113 1.64 26.03 -13.93
CA ASN E 113 3.09 26.29 -13.78
C ASN E 113 3.40 27.79 -13.91
N GLY E 114 2.39 28.66 -13.79
CA GLY E 114 2.58 30.13 -13.70
C GLY E 114 3.11 30.73 -15.01
N ASN E 115 2.99 30.03 -16.13
CA ASN E 115 3.36 30.56 -17.47
C ASN E 115 2.16 31.31 -18.07
N GLU E 116 1.83 32.46 -17.54
CA GLU E 116 0.55 33.17 -17.81
C GLU E 116 0.57 33.76 -19.24
N ASP E 117 1.72 34.17 -19.73
CA ASP E 117 1.88 34.69 -21.12
C ASP E 117 1.42 33.61 -22.11
N ILE E 118 1.97 32.41 -21.95
CA ILE E 118 1.63 31.23 -22.81
C ILE E 118 0.16 30.93 -22.65
N ALA E 119 -0.38 30.99 -21.44
CA ALA E 119 -1.80 30.68 -21.15
C ALA E 119 -2.68 31.60 -21.99
N GLU E 120 -2.34 32.89 -22.00
CA GLU E 120 -3.10 33.92 -22.73
C GLU E 120 -3.07 33.59 -24.22
N VAL E 121 -1.90 33.26 -24.77
CA VAL E 121 -1.74 32.91 -26.20
C VAL E 121 -2.63 31.71 -26.50
N LEU E 122 -2.61 30.72 -25.63
CA LEU E 122 -3.40 29.48 -25.84
C LEU E 122 -4.90 29.78 -25.76
N GLN E 123 -5.32 30.58 -24.78
CA GLN E 123 -6.75 30.98 -24.59
C GLN E 123 -7.28 31.67 -25.85
N LYS E 124 -6.53 32.61 -26.42
CA LYS E 124 -6.89 33.34 -27.68
C LYS E 124 -6.92 32.39 -28.87
N ALA E 125 -6.04 31.37 -28.88
CA ALA E 125 -5.92 30.41 -30.01
C ALA E 125 -7.18 29.54 -30.10
N ALA E 126 -7.92 29.42 -28.97
CA ALA E 126 -9.38 29.12 -28.90
C ALA E 126 -9.73 27.84 -29.67
N SER F 2 9.27 -20.53 29.23
CA SER F 2 10.28 -21.62 29.36
C SER F 2 9.86 -22.82 28.49
N ASP F 3 10.61 -23.93 28.59
CA ASP F 3 10.17 -25.27 28.11
C ASP F 3 8.85 -25.61 28.81
N LEU F 4 8.89 -25.66 30.16
CA LEU F 4 7.72 -25.97 31.02
C LEU F 4 6.58 -25.00 30.70
N GLY F 5 6.90 -23.69 30.61
CA GLY F 5 5.93 -22.64 30.27
C GLY F 5 5.24 -22.95 28.96
N LYS F 6 6.02 -23.27 27.93
CA LYS F 6 5.51 -23.53 26.57
C LYS F 6 4.67 -24.82 26.60
N LYS F 7 5.07 -25.79 27.39
CA LYS F 7 4.31 -27.04 27.52
C LYS F 7 3.01 -26.79 28.31
N LEU F 8 2.99 -25.85 29.24
CA LEU F 8 1.76 -25.49 29.99
C LEU F 8 0.80 -24.77 29.05
N LEU F 9 1.30 -23.86 28.21
CA LEU F 9 0.46 -23.15 27.22
C LEU F 9 -0.23 -24.18 26.31
N GLU F 10 0.52 -25.16 25.83
CA GLU F 10 -0.01 -26.21 24.91
C GLU F 10 -1.01 -27.10 25.65
N ALA F 11 -0.69 -27.51 26.88
CA ALA F 11 -1.54 -28.44 27.67
C ALA F 11 -2.86 -27.75 27.98
N ALA F 12 -2.81 -26.45 28.30
CA ALA F 12 -3.97 -25.64 28.67
C ALA F 12 -4.87 -25.45 27.44
N ARG F 13 -4.27 -25.16 26.28
CA ARG F 13 -4.96 -25.05 24.96
C ARG F 13 -5.64 -26.37 24.63
N ALA F 14 -4.92 -27.47 24.76
CA ALA F 14 -5.34 -28.80 24.27
C ALA F 14 -6.33 -29.45 25.26
N GLY F 15 -6.49 -28.90 26.46
CA GLY F 15 -7.40 -29.46 27.47
C GLY F 15 -6.82 -30.75 28.09
N GLN F 16 -5.50 -30.81 28.29
CA GLN F 16 -4.79 -31.98 28.91
C GLN F 16 -4.74 -31.81 30.41
N ASP F 17 -5.87 -32.03 31.10
CA ASP F 17 -6.05 -31.70 32.55
C ASP F 17 -4.83 -32.17 33.35
N ASP F 18 -4.55 -33.47 33.28
CA ASP F 18 -3.54 -34.15 34.13
C ASP F 18 -2.14 -33.63 33.76
N GLU F 19 -1.89 -33.35 32.48
CA GLU F 19 -0.59 -32.77 32.01
C GLU F 19 -0.38 -31.41 32.67
N VAL F 20 -1.44 -30.60 32.81
CA VAL F 20 -1.40 -29.25 33.44
C VAL F 20 -1.00 -29.43 34.93
N ARG F 21 -1.66 -30.33 35.65
CA ARG F 21 -1.33 -30.59 37.08
C ARG F 21 0.15 -31.00 37.19
N ILE F 22 0.62 -31.90 36.33
CA ILE F 22 2.01 -32.43 36.38
C ILE F 22 2.98 -31.26 36.12
N LEU F 23 2.68 -30.42 35.13
CA LEU F 23 3.60 -29.32 34.69
C LEU F 23 3.79 -28.32 35.82
N MET F 24 2.85 -28.28 36.74
CA MET F 24 2.69 -27.27 37.79
C MET F 24 3.27 -27.78 39.13
N ALA F 25 3.13 -29.07 39.43
CA ALA F 25 3.91 -29.75 40.49
C ALA F 25 5.41 -29.67 40.12
N ASN F 26 5.71 -29.51 38.82
CA ASN F 26 7.09 -29.51 38.28
C ASN F 26 7.62 -28.08 38.19
N GLY F 27 6.82 -27.09 38.60
CA GLY F 27 7.26 -25.68 38.77
C GLY F 27 7.08 -24.85 37.50
N ALA F 28 6.17 -25.24 36.60
CA ALA F 28 5.80 -24.48 35.38
C ALA F 28 5.15 -23.16 35.79
N ASP F 29 5.57 -22.06 35.19
CA ASP F 29 5.10 -20.68 35.47
C ASP F 29 3.62 -20.55 35.08
N VAL F 30 2.73 -20.36 36.04
CA VAL F 30 1.26 -20.36 35.79
C VAL F 30 0.90 -19.16 34.88
N ASN F 31 1.75 -18.13 34.89
CA ASN F 31 1.57 -16.88 34.11
C ASN F 31 2.61 -16.79 32.99
N ALA F 32 3.13 -17.92 32.52
CA ALA F 32 3.93 -18.01 31.27
C ALA F 32 3.08 -17.46 30.12
N ALA F 33 3.67 -16.70 29.22
CA ALA F 33 2.97 -16.00 28.14
C ALA F 33 3.70 -16.27 26.84
N ASP F 34 2.96 -16.53 25.78
CA ASP F 34 3.54 -16.63 24.42
C ASP F 34 3.82 -15.22 23.89
N TRP F 35 4.19 -15.14 22.63
CA TRP F 35 4.77 -13.93 22.01
C TRP F 35 3.68 -12.86 21.87
N LEU F 36 2.40 -13.22 21.89
CA LEU F 36 1.29 -12.23 21.90
C LEU F 36 0.81 -11.93 23.34
N GLY F 37 1.37 -12.58 24.37
CA GLY F 37 0.94 -12.40 25.78
C GLY F 37 -0.25 -13.30 26.17
N TYR F 38 -0.48 -14.38 25.43
CA TYR F 38 -1.47 -15.42 25.79
C TYR F 38 -0.89 -16.26 26.89
N THR F 39 -1.64 -16.33 28.00
CA THR F 39 -1.30 -17.12 29.21
C THR F 39 -2.05 -18.43 29.12
N PRO F 40 -1.68 -19.41 29.95
CA PRO F 40 -2.43 -20.65 30.04
C PRO F 40 -3.91 -20.38 30.31
N LEU F 41 -4.21 -19.42 31.19
CA LEU F 41 -5.60 -19.10 31.56
C LEU F 41 -6.38 -18.59 30.34
N HIS F 42 -5.77 -17.71 29.55
CA HIS F 42 -6.33 -17.22 28.26
C HIS F 42 -6.75 -18.42 27.43
N LEU F 43 -5.86 -19.36 27.22
CA LEU F 43 -6.07 -20.45 26.23
C LEU F 43 -7.12 -21.41 26.77
N ALA F 44 -7.14 -21.66 28.08
CA ALA F 44 -8.12 -22.58 28.69
C ALA F 44 -9.52 -21.94 28.61
N ALA F 45 -9.61 -20.62 28.76
CA ALA F 45 -10.87 -19.87 28.67
C ALA F 45 -11.36 -19.86 27.23
N TRP F 46 -10.47 -19.56 26.30
CA TRP F 46 -10.71 -19.56 24.83
C TRP F 46 -11.31 -20.92 24.42
N TYR F 47 -10.68 -22.01 24.80
CA TYR F 47 -10.98 -23.37 24.26
C TYR F 47 -11.90 -24.16 25.19
N GLY F 48 -12.33 -23.56 26.30
CA GLY F 48 -13.47 -24.05 27.11
C GLY F 48 -13.10 -25.21 28.05
N HIS F 49 -11.91 -25.19 28.63
CA HIS F 49 -11.42 -26.24 29.56
C HIS F 49 -11.62 -25.74 30.98
N LEU F 50 -12.80 -25.95 31.52
CA LEU F 50 -13.30 -25.45 32.82
C LEU F 50 -12.38 -25.91 33.97
N GLU F 51 -12.05 -27.21 34.04
CA GLU F 51 -11.23 -27.75 35.16
C GLU F 51 -9.83 -27.13 35.10
N ILE F 52 -9.28 -26.92 33.91
CA ILE F 52 -7.96 -26.29 33.75
C ILE F 52 -8.05 -24.81 34.20
N VAL F 53 -9.08 -24.10 33.81
CA VAL F 53 -9.31 -22.70 34.27
C VAL F 53 -9.23 -22.70 35.80
N GLU F 54 -9.87 -23.70 36.44
CA GLU F 54 -10.02 -23.78 37.89
C GLU F 54 -8.65 -24.01 38.53
N VAL F 55 -7.88 -24.98 38.06
CA VAL F 55 -6.53 -25.28 38.65
C VAL F 55 -5.59 -24.09 38.44
N LEU F 56 -5.66 -23.43 37.28
CA LEU F 56 -4.77 -22.27 36.99
C LEU F 56 -5.07 -21.13 38.00
N LEU F 57 -6.35 -20.82 38.25
CA LEU F 57 -6.77 -19.72 39.14
C LEU F 57 -6.34 -20.04 40.58
N LYS F 58 -6.47 -21.29 40.99
CA LYS F 58 -6.07 -21.81 42.30
C LYS F 58 -4.55 -21.66 42.48
N THR F 59 -3.79 -21.70 41.39
CA THR F 59 -2.29 -21.71 41.42
C THR F 59 -1.71 -20.31 41.12
N GLY F 60 -2.55 -19.29 40.99
CA GLY F 60 -2.13 -17.86 40.98
C GLY F 60 -2.13 -17.24 39.57
N ALA F 61 -2.84 -17.83 38.63
CA ALA F 61 -3.02 -17.25 37.29
C ALA F 61 -3.65 -15.86 37.45
N ASP F 62 -3.13 -14.87 36.72
CA ASP F 62 -3.68 -13.49 36.71
C ASP F 62 -5.00 -13.52 35.93
N VAL F 63 -6.12 -13.26 36.59
CA VAL F 63 -7.46 -13.41 35.97
C VAL F 63 -7.68 -12.32 34.90
N ASN F 64 -6.92 -11.22 34.97
CA ASN F 64 -7.08 -10.05 34.07
C ASN F 64 -5.79 -9.80 33.22
N ALA F 65 -4.99 -10.84 32.97
CA ALA F 65 -3.85 -10.80 32.02
C ALA F 65 -4.34 -10.31 30.64
N ARG F 66 -3.57 -9.45 29.98
CA ARG F 66 -3.91 -8.87 28.66
C ARG F 66 -2.96 -9.46 27.63
N ASP F 67 -3.48 -9.88 26.50
CA ASP F 67 -2.63 -10.12 25.30
C ASP F 67 -2.26 -8.75 24.67
N ALA F 68 -1.52 -8.76 23.56
CA ALA F 68 -0.97 -7.52 22.93
C ALA F 68 -2.11 -6.67 22.34
N TYR F 69 -3.28 -7.28 22.12
CA TYR F 69 -4.50 -6.57 21.62
C TYR F 69 -5.48 -6.29 22.75
N GLY F 70 -5.02 -6.38 24.02
CA GLY F 70 -5.79 -6.00 25.22
C GLY F 70 -6.90 -7.00 25.52
N ILE F 71 -6.79 -8.23 25.02
CA ILE F 71 -7.76 -9.34 25.30
C ILE F 71 -7.48 -9.96 26.69
N THR F 72 -8.53 -10.15 27.48
CA THR F 72 -8.48 -10.84 28.82
C THR F 72 -9.11 -12.20 28.68
N PRO F 73 -8.84 -13.12 29.62
CA PRO F 73 -9.54 -14.41 29.63
C PRO F 73 -11.06 -14.26 29.52
N LEU F 74 -11.63 -13.25 30.18
CA LEU F 74 -13.11 -13.08 30.23
C LEU F 74 -13.61 -12.73 28.83
N HIS F 75 -12.84 -11.94 28.06
CA HIS F 75 -13.14 -11.63 26.64
C HIS F 75 -13.25 -12.93 25.86
N LEU F 76 -12.31 -13.85 26.06
CA LEU F 76 -12.23 -15.07 25.24
C LEU F 76 -13.38 -15.98 25.58
N ALA F 77 -13.71 -16.10 26.88
CA ALA F 77 -14.82 -16.95 27.36
C ALA F 77 -16.16 -16.39 26.84
N ALA F 78 -16.27 -15.07 26.72
CA ALA F 78 -17.49 -14.41 26.19
C ALA F 78 -17.58 -14.60 24.67
N TYR F 79 -16.48 -14.36 23.95
CA TYR F 79 -16.42 -14.43 22.47
C TYR F 79 -16.80 -15.85 22.04
N TYR F 80 -16.24 -16.84 22.72
CA TYR F 80 -16.30 -18.28 22.32
C TYR F 80 -17.38 -19.03 23.08
N GLY F 81 -18.23 -18.35 23.84
CA GLY F 81 -19.50 -18.90 24.34
C GLY F 81 -19.33 -19.94 25.47
N HIS F 82 -18.40 -19.74 26.39
CA HIS F 82 -18.13 -20.65 27.52
C HIS F 82 -18.69 -20.02 28.81
N LEU F 83 -19.99 -20.26 29.09
CA LEU F 83 -20.76 -19.55 30.12
C LEU F 83 -20.19 -19.87 31.52
N GLU F 84 -19.98 -21.14 31.81
CA GLU F 84 -19.45 -21.60 33.12
C GLU F 84 -18.11 -20.92 33.38
N ILE F 85 -17.27 -20.81 32.35
CA ILE F 85 -15.92 -20.18 32.49
C ILE F 85 -16.09 -18.68 32.76
N VAL F 86 -17.05 -18.04 32.13
CA VAL F 86 -17.37 -16.60 32.37
C VAL F 86 -17.71 -16.41 33.86
N GLU F 87 -18.54 -17.29 34.41
CA GLU F 87 -19.03 -17.18 35.81
C GLU F 87 -17.88 -17.44 36.76
N VAL F 88 -17.01 -18.43 36.47
CA VAL F 88 -15.81 -18.68 37.34
C VAL F 88 -14.90 -17.46 37.29
N LEU F 89 -14.61 -16.93 36.10
CA LEU F 89 -13.66 -15.78 35.95
C LEU F 89 -14.22 -14.55 36.71
N LEU F 90 -15.55 -14.32 36.60
CA LEU F 90 -16.24 -13.21 37.32
C LEU F 90 -16.05 -13.36 38.83
N LYS F 91 -16.23 -14.55 39.34
CA LYS F 91 -16.17 -14.86 40.79
C LYS F 91 -14.73 -14.67 41.30
N HIS F 92 -13.73 -14.85 40.42
CA HIS F 92 -12.28 -14.64 40.75
C HIS F 92 -11.77 -13.20 40.42
N GLY F 93 -12.69 -12.26 40.14
CA GLY F 93 -12.37 -10.81 40.02
C GLY F 93 -12.11 -10.35 38.57
N ALA F 94 -12.54 -11.08 37.57
CA ALA F 94 -12.42 -10.68 36.15
C ALA F 94 -13.04 -9.30 35.98
N ASP F 95 -12.36 -8.40 35.27
CA ASP F 95 -12.82 -7.00 35.02
C ASP F 95 -13.90 -6.99 33.93
N VAL F 96 -15.16 -6.84 34.32
CA VAL F 96 -16.34 -6.86 33.41
C VAL F 96 -16.21 -5.72 32.37
N ASN F 97 -15.50 -4.64 32.73
CA ASN F 97 -15.46 -3.40 31.93
C ASN F 97 -14.15 -3.32 31.16
N ALA F 98 -13.27 -4.32 31.28
CA ALA F 98 -12.06 -4.43 30.46
C ALA F 98 -12.41 -4.12 29.00
N GLN F 99 -11.67 -3.21 28.37
CA GLN F 99 -11.74 -2.92 26.93
C GLN F 99 -10.47 -3.42 26.28
N ASP F 100 -10.61 -4.14 25.16
CA ASP F 100 -9.47 -4.49 24.29
C ASP F 100 -9.10 -3.22 23.52
N LYS F 101 -8.07 -3.31 22.69
CA LYS F 101 -7.47 -2.13 22.03
C LYS F 101 -8.38 -1.69 20.86
N PHE F 102 -9.47 -2.41 20.59
CA PHE F 102 -10.52 -2.03 19.62
C PHE F 102 -11.75 -1.45 20.34
N GLY F 103 -11.68 -1.26 21.66
CA GLY F 103 -12.75 -0.64 22.45
C GLY F 103 -13.81 -1.66 22.91
N LYS F 104 -13.58 -2.96 22.71
CA LYS F 104 -14.59 -4.02 23.03
C LYS F 104 -14.44 -4.50 24.49
N THR F 105 -15.57 -4.58 25.20
CA THR F 105 -15.72 -5.27 26.50
C THR F 105 -16.07 -6.73 26.26
N PRO F 106 -16.03 -7.59 27.28
CA PRO F 106 -16.50 -8.95 27.12
C PRO F 106 -17.96 -8.95 26.70
N PHE F 107 -18.78 -8.06 27.27
CA PHE F 107 -20.21 -7.90 26.90
C PHE F 107 -20.31 -7.69 25.36
N ASP F 108 -19.54 -6.76 24.82
CA ASP F 108 -19.52 -6.43 23.36
C ASP F 108 -19.19 -7.68 22.53
N LEU F 109 -18.17 -8.48 22.93
CA LEU F 109 -17.81 -9.70 22.17
C LEU F 109 -18.91 -10.74 22.31
N ALA F 110 -19.58 -10.82 23.45
CA ALA F 110 -20.72 -11.75 23.65
C ALA F 110 -21.83 -11.39 22.65
N ILE F 111 -22.17 -10.11 22.55
CA ILE F 111 -23.25 -9.62 21.64
C ILE F 111 -22.82 -9.87 20.18
N ASP F 112 -21.56 -9.59 19.85
CA ASP F 112 -21.00 -9.73 18.48
C ASP F 112 -21.10 -11.20 18.03
N ASN F 113 -21.09 -12.15 18.96
CA ASN F 113 -21.12 -13.60 18.62
C ASN F 113 -22.45 -14.25 19.03
N GLY F 114 -23.49 -13.45 19.27
CA GLY F 114 -24.87 -13.92 19.54
C GLY F 114 -25.01 -14.75 20.81
N ASN F 115 -24.05 -14.66 21.73
CA ASN F 115 -24.08 -15.38 23.05
C ASN F 115 -24.88 -14.55 24.05
N GLU F 116 -26.21 -14.58 23.95
CA GLU F 116 -27.11 -13.65 24.69
C GLU F 116 -27.10 -13.99 26.19
N ASP F 117 -26.99 -15.27 26.53
CA ASP F 117 -26.97 -15.73 27.96
C ASP F 117 -25.82 -15.05 28.65
N ILE F 118 -24.63 -15.14 28.04
CA ILE F 118 -23.36 -14.60 28.60
C ILE F 118 -23.48 -13.10 28.70
N ALA F 119 -24.06 -12.46 27.69
CA ALA F 119 -24.23 -10.99 27.66
C ALA F 119 -25.07 -10.56 28.88
N GLU F 120 -26.15 -11.27 29.16
CA GLU F 120 -27.06 -11.00 30.31
C GLU F 120 -26.29 -11.12 31.63
N VAL F 121 -25.52 -12.18 31.81
CA VAL F 121 -24.71 -12.38 33.05
C VAL F 121 -23.70 -11.23 33.17
N LEU F 122 -23.09 -10.80 32.07
CA LEU F 122 -22.06 -9.74 32.13
C LEU F 122 -22.73 -8.40 32.45
N GLN F 123 -23.88 -8.12 31.81
CA GLN F 123 -24.67 -6.88 32.05
C GLN F 123 -25.05 -6.78 33.53
N LYS F 124 -25.57 -7.85 34.11
CA LYS F 124 -26.03 -7.91 35.53
C LYS F 124 -24.82 -7.84 36.48
N ALA F 125 -23.61 -8.06 35.98
CA ALA F 125 -22.34 -7.98 36.75
C ALA F 125 -21.67 -6.61 36.52
N ALA F 126 -22.19 -5.81 35.57
CA ALA F 126 -21.61 -4.52 35.14
C ALA F 126 -21.65 -3.52 36.31
#